data_4X9S
#
_entry.id   4X9S
#
_cell.length_a   69.547
_cell.length_b   69.547
_cell.length_c   127.321
_cell.angle_alpha   90.00
_cell.angle_beta   90.00
_cell.angle_gamma   90.00
#
_symmetry.space_group_name_H-M   'P 43 21 2'
#
loop_
_entity.id
_entity.type
_entity.pdbx_description
1 polymer 'Phosphoribosyl isomerase A'
2 non-polymer 'SULFATE ION'
3 water water
#
_entity_poly.entity_id   1
_entity_poly.type   'polypeptide(L)'
_entity_poly.pdbx_seq_one_letter_code
;SNAMPVNKLELLPAVDVRDGQAVRLVHGVSGSETSYGSPLEAALAWQASGAEWLHLVDLDAAFGTGDNRALVAEITGAMD
IKVELSGGIRDDASLAAALATGCTRVNLGTAALETPEWAAKAIAEHGDRIAVGLDVRGTTLKGRGWTSEGGDLYETLARL
DSEGCARYVVTDIGKDGTLTGPNLELLKNVCAATDRPVVASGGISSLEDLRALAALVPQGVEGAIVGKALYAKAFTLEEA
LKVVSA
;
_entity_poly.pdbx_strand_id   A
#
loop_
_chem_comp.id
_chem_comp.type
_chem_comp.name
_chem_comp.formula
SO4 non-polymer 'SULFATE ION' 'O4 S -2'
#
# COMPACT_ATOMS: atom_id res chain seq x y z
N VAL A 6 11.66 2.38 -21.00
CA VAL A 6 10.55 1.89 -20.19
C VAL A 6 11.04 1.47 -18.79
N ASN A 7 10.51 2.14 -17.76
CA ASN A 7 10.93 1.90 -16.38
C ASN A 7 10.59 0.50 -15.91
N LYS A 8 11.37 -0.02 -14.95
N LYS A 8 11.37 -0.03 -14.96
CA LYS A 8 11.08 -1.33 -14.36
CA LYS A 8 11.05 -1.32 -14.38
C LYS A 8 10.09 -1.19 -13.22
C LYS A 8 9.94 -1.12 -13.37
N LEU A 9 9.26 -2.22 -13.05
CA LEU A 9 8.29 -2.26 -11.98
C LEU A 9 9.01 -2.09 -10.64
N GLU A 10 8.57 -1.13 -9.86
CA GLU A 10 9.11 -0.96 -8.51
C GLU A 10 8.50 -1.99 -7.59
N LEU A 11 9.31 -2.59 -6.71
CA LEU A 11 8.79 -3.51 -5.70
C LEU A 11 8.87 -2.88 -4.33
N LEU A 12 7.76 -3.01 -3.61
CA LEU A 12 7.62 -2.50 -2.27
C LEU A 12 7.26 -3.66 -1.35
N PRO A 13 8.26 -4.38 -0.86
CA PRO A 13 7.98 -5.40 0.15
C PRO A 13 7.36 -4.77 1.38
N ALA A 14 6.35 -5.43 1.92
CA ALA A 14 5.58 -4.89 3.01
C ALA A 14 6.04 -5.38 4.38
N VAL A 15 5.89 -4.50 5.36
CA VAL A 15 5.98 -4.86 6.76
C VAL A 15 4.77 -4.23 7.44
N ASP A 16 3.85 -5.08 7.90
CA ASP A 16 2.67 -4.65 8.66
C ASP A 16 2.87 -4.95 10.13
N VAL A 17 2.63 -3.96 10.99
CA VAL A 17 2.90 -4.12 12.41
C VAL A 17 1.62 -4.16 13.23
N ARG A 18 1.46 -5.19 14.07
CA ARG A 18 0.41 -5.22 15.06
C ARG A 18 1.00 -5.73 16.36
N ASP A 19 0.76 -4.99 17.45
CA ASP A 19 1.29 -5.35 18.77
C ASP A 19 2.79 -5.64 18.68
N GLY A 20 3.51 -4.79 17.96
CA GLY A 20 4.96 -4.89 17.87
C GLY A 20 5.54 -6.00 17.04
N GLN A 21 4.67 -6.77 16.37
CA GLN A 21 5.08 -7.91 15.54
C GLN A 21 4.81 -7.68 14.07
N ALA A 22 5.61 -8.32 13.21
CA ALA A 22 5.31 -8.34 11.78
C ALA A 22 4.18 -9.33 11.57
N VAL A 23 3.11 -8.91 10.92
CA VAL A 23 1.97 -9.79 10.65
C VAL A 23 1.49 -9.65 9.21
N ARG A 24 0.71 -10.63 8.76
CA ARG A 24 -0.05 -10.51 7.52
C ARG A 24 -1.50 -10.82 7.81
N LEU A 25 -2.40 -10.10 7.16
CA LEU A 25 -3.85 -10.31 7.27
C LEU A 25 -4.44 -11.03 6.04
N VAL A 26 -5.69 -11.46 6.14
CA VAL A 26 -6.48 -11.97 5.02
C VAL A 26 -7.65 -11.03 4.82
N HIS A 27 -7.82 -10.51 3.60
CA HIS A 27 -8.84 -9.53 3.26
C HIS A 27 -8.80 -8.29 4.16
N GLY A 28 -7.63 -8.00 4.73
CA GLY A 28 -7.49 -6.83 5.58
C GLY A 28 -8.29 -6.89 6.87
N VAL A 29 -8.72 -8.07 7.29
CA VAL A 29 -9.61 -8.19 8.45
C VAL A 29 -8.84 -8.29 9.77
N SER A 30 -9.15 -7.39 10.70
CA SER A 30 -8.57 -7.48 12.03
C SER A 30 -8.89 -8.83 12.66
N GLY A 31 -7.87 -9.47 13.22
CA GLY A 31 -8.07 -10.79 13.81
C GLY A 31 -7.62 -11.95 12.94
N SER A 32 -7.30 -11.67 11.68
CA SER A 32 -6.83 -12.68 10.73
C SER A 32 -5.31 -12.76 10.71
N GLU A 33 -4.65 -12.13 11.67
CA GLU A 33 -3.19 -12.00 11.67
C GLU A 33 -2.51 -13.37 11.68
N THR A 34 -1.56 -13.55 10.78
CA THR A 34 -0.49 -14.55 10.93
C THR A 34 0.78 -13.76 11.32
N SER A 35 1.53 -14.23 12.33
CA SER A 35 2.69 -13.51 12.84
C SER A 35 4.00 -14.05 12.32
N TYR A 36 4.99 -13.16 12.10
N TYR A 36 4.95 -13.12 12.14
CA TYR A 36 6.29 -13.59 11.57
CA TYR A 36 6.21 -13.41 11.50
C TYR A 36 7.49 -13.00 12.28
C TYR A 36 7.38 -12.72 12.19
N GLY A 37 7.30 -12.56 13.51
CA GLY A 37 8.43 -12.12 14.31
C GLY A 37 8.69 -10.64 14.23
N SER A 38 9.97 -10.25 14.26
CA SER A 38 10.33 -8.84 14.38
C SER A 38 10.13 -8.07 13.11
N PRO A 39 9.37 -6.96 13.18
CA PRO A 39 9.23 -6.15 11.97
C PRO A 39 10.48 -5.35 11.63
N LEU A 40 11.31 -5.02 12.62
CA LEU A 40 12.59 -4.39 12.32
C LEU A 40 13.51 -5.36 11.58
N GLU A 41 13.62 -6.59 12.08
CA GLU A 41 14.46 -7.58 11.38
C GLU A 41 13.95 -7.83 9.97
N ALA A 42 12.64 -7.87 9.79
CA ALA A 42 12.04 -8.10 8.46
C ALA A 42 12.41 -6.99 7.53
N ALA A 43 12.25 -5.74 7.99
CA ALA A 43 12.57 -4.60 7.12
C ALA A 43 14.03 -4.60 6.70
N LEU A 44 14.91 -4.87 7.65
CA LEU A 44 16.34 -4.89 7.37
C LEU A 44 16.69 -6.00 6.40
N ALA A 45 15.98 -7.13 6.48
CA ALA A 45 16.25 -8.24 5.56
C ALA A 45 15.83 -7.85 4.16
N TRP A 46 14.68 -7.18 4.01
CA TRP A 46 14.30 -6.75 2.67
C TRP A 46 15.34 -5.76 2.12
N GLN A 47 15.78 -4.82 2.94
CA GLN A 47 16.78 -3.84 2.49
C GLN A 47 18.06 -4.57 2.08
N ALA A 48 18.48 -5.54 2.88
CA ALA A 48 19.72 -6.24 2.57
C ALA A 48 19.67 -7.01 1.26
N SER A 49 18.48 -7.52 0.93
CA SER A 49 18.26 -8.25 -0.28
C SER A 49 18.18 -7.34 -1.54
N GLY A 50 18.17 -6.03 -1.35
CA GLY A 50 18.12 -5.11 -2.47
C GLY A 50 16.85 -4.32 -2.67
N ALA A 51 15.94 -4.33 -1.70
CA ALA A 51 14.70 -3.55 -1.83
C ALA A 51 15.03 -2.08 -2.03
N GLU A 52 14.30 -1.40 -2.91
N GLU A 52 14.25 -1.43 -2.89
CA GLU A 52 14.48 0.05 -3.06
CA GLU A 52 14.37 -0.01 -3.14
C GLU A 52 13.44 0.79 -2.19
C GLU A 52 13.36 0.79 -2.34
N TRP A 53 12.37 0.07 -1.81
CA TRP A 53 11.23 0.61 -1.07
C TRP A 53 10.91 -0.33 0.08
N LEU A 54 10.39 0.22 1.16
CA LEU A 54 9.67 -0.50 2.19
C LEU A 54 8.27 0.07 2.27
N HIS A 55 7.27 -0.79 2.28
CA HIS A 55 5.89 -0.37 2.55
C HIS A 55 5.57 -0.78 3.96
N LEU A 56 5.42 0.21 4.84
CA LEU A 56 5.35 -0.02 6.26
C LEU A 56 3.98 0.41 6.73
N VAL A 57 3.29 -0.47 7.46
CA VAL A 57 1.93 -0.21 7.90
C VAL A 57 1.76 -0.40 9.39
N ASP A 58 1.18 0.58 10.06
CA ASP A 58 0.81 0.46 11.47
C ASP A 58 -0.63 0.00 11.57
N LEU A 59 -0.84 -1.30 11.76
CA LEU A 59 -2.21 -1.81 11.77
C LEU A 59 -2.99 -1.47 13.04
N ASP A 60 -2.31 -1.28 14.18
CA ASP A 60 -2.99 -0.84 15.39
C ASP A 60 -3.58 0.53 15.16
N ALA A 61 -2.80 1.43 14.54
CA ALA A 61 -3.35 2.72 14.20
C ALA A 61 -4.49 2.60 13.20
N ALA A 62 -4.36 1.74 12.21
CA ALA A 62 -5.43 1.53 11.20
C ALA A 62 -6.72 1.07 11.87
N PHE A 63 -6.59 0.16 12.81
CA PHE A 63 -7.77 -0.42 13.47
C PHE A 63 -8.25 0.31 14.74
N GLY A 64 -7.52 1.35 15.15
CA GLY A 64 -7.91 2.11 16.32
C GLY A 64 -7.62 1.42 17.63
N THR A 65 -6.62 0.55 17.64
CA THR A 65 -6.26 -0.16 18.86
C THR A 65 -4.85 0.27 19.27
N GLY A 66 -4.74 1.50 19.71
CA GLY A 66 -3.45 2.08 20.03
C GLY A 66 -2.63 2.29 18.76
N ASP A 67 -1.31 2.21 18.89
CA ASP A 67 -0.45 2.42 17.74
C ASP A 67 0.92 1.85 18.01
N ASN A 68 1.77 1.89 16.99
CA ASN A 68 3.15 1.47 17.13
C ASN A 68 4.07 2.60 16.69
N ARG A 69 3.78 3.81 17.13
CA ARG A 69 4.45 4.99 16.57
C ARG A 69 5.95 4.99 16.78
N ALA A 70 6.40 4.64 17.97
CA ALA A 70 7.83 4.66 18.25
C ALA A 70 8.55 3.60 17.39
N LEU A 71 7.96 2.41 17.29
CA LEU A 71 8.57 1.35 16.50
C LEU A 71 8.60 1.67 15.01
N VAL A 72 7.52 2.28 14.50
CA VAL A 72 7.43 2.67 13.10
C VAL A 72 8.51 3.73 12.83
N ALA A 73 8.71 4.63 13.78
CA ALA A 73 9.75 5.63 13.60
C ALA A 73 11.12 4.97 13.58
N GLU A 74 11.33 3.98 14.46
CA GLU A 74 12.59 3.29 14.55
C GLU A 74 12.90 2.57 13.25
N ILE A 75 11.90 1.87 12.74
CA ILE A 75 12.09 1.11 11.49
C ILE A 75 12.40 2.05 10.35
N THR A 76 11.63 3.14 10.23
CA THR A 76 11.84 4.08 9.15
C THR A 76 13.25 4.66 9.22
N GLY A 77 13.69 4.96 10.43
CA GLY A 77 14.97 5.58 10.66
C GLY A 77 16.11 4.61 10.34
N ALA A 78 15.84 3.30 10.45
CA ALA A 78 16.84 2.28 10.15
C ALA A 78 16.96 2.02 8.66
N MET A 79 16.02 2.54 7.88
CA MET A 79 16.03 2.31 6.44
C MET A 79 16.86 3.36 5.74
N ASP A 80 17.79 2.93 4.89
CA ASP A 80 18.49 3.82 3.99
C ASP A 80 17.74 3.99 2.66
N ILE A 81 16.72 3.17 2.47
CA ILE A 81 15.93 3.15 1.27
C ILE A 81 14.65 3.97 1.46
N LYS A 82 13.84 4.06 0.41
CA LYS A 82 12.61 4.83 0.48
C LYS A 82 11.59 4.07 1.30
N VAL A 83 10.77 4.81 2.05
CA VAL A 83 9.74 4.21 2.90
C VAL A 83 8.40 4.87 2.63
N GLU A 84 7.40 4.01 2.41
CA GLU A 84 6.01 4.42 2.29
C GLU A 84 5.32 4.00 3.56
N LEU A 85 4.73 4.95 4.31
CA LEU A 85 4.11 4.68 5.59
C LEU A 85 2.60 4.84 5.54
N SER A 86 1.87 3.90 6.13
CA SER A 86 0.41 3.87 6.08
C SER A 86 -0.13 3.40 7.41
N GLY A 87 -1.37 3.76 7.70
CA GLY A 87 -2.08 3.15 8.82
C GLY A 87 -2.64 4.20 9.73
N GLY A 88 -3.95 4.42 9.62
CA GLY A 88 -4.61 5.33 10.50
C GLY A 88 -4.29 6.80 10.33
N ILE A 89 -3.84 7.19 9.15
CA ILE A 89 -3.47 8.60 8.92
C ILE A 89 -4.75 9.35 8.54
N ARG A 90 -5.37 9.99 9.52
N ARG A 90 -5.36 9.98 9.53
CA ARG A 90 -6.74 10.45 9.35
CA ARG A 90 -6.74 10.43 9.39
C ARG A 90 -7.00 11.80 9.99
C ARG A 90 -6.99 11.82 9.94
N ASP A 91 -5.97 12.43 10.53
CA ASP A 91 -6.14 13.77 11.08
C ASP A 91 -4.76 14.45 11.17
N ASP A 92 -4.75 15.72 11.56
CA ASP A 92 -3.48 16.46 11.54
C ASP A 92 -2.37 15.80 12.36
N ALA A 93 -2.71 15.28 13.53
CA ALA A 93 -1.69 14.72 14.39
C ALA A 93 -1.14 13.41 13.86
N SER A 94 -1.99 12.51 13.36
CA SER A 94 -1.48 11.26 12.83
C SER A 94 -0.68 11.51 11.56
N LEU A 95 -1.07 12.49 10.76
CA LEU A 95 -0.30 12.84 9.58
C LEU A 95 1.05 13.44 10.00
N ALA A 96 1.04 14.35 10.98
CA ALA A 96 2.28 14.92 11.49
C ALA A 96 3.20 13.85 12.04
N ALA A 97 2.66 12.88 12.77
CA ALA A 97 3.49 11.83 13.36
C ALA A 97 4.14 11.01 12.23
N ALA A 98 3.37 10.66 11.21
CA ALA A 98 3.90 9.90 10.10
C ALA A 98 4.99 10.68 9.36
N LEU A 99 4.73 11.94 9.05
CA LEU A 99 5.74 12.71 8.34
C LEU A 99 7.02 12.87 9.14
N ALA A 100 6.90 12.98 10.47
CA ALA A 100 8.07 13.16 11.35
C ALA A 100 8.99 11.96 11.39
N THR A 101 8.57 10.83 10.83
CA THR A 101 9.44 9.66 10.75
C THR A 101 10.51 9.81 9.68
N GLY A 102 10.31 10.76 8.78
CA GLY A 102 11.24 10.96 7.67
C GLY A 102 10.94 10.03 6.50
N CYS A 103 9.74 9.48 6.49
CA CYS A 103 9.34 8.60 5.38
C CYS A 103 9.26 9.40 4.08
N THR A 104 9.42 8.68 2.97
CA THR A 104 9.34 9.25 1.64
C THR A 104 7.94 9.71 1.26
N ARG A 105 6.94 8.88 1.56
CA ARG A 105 5.56 9.28 1.35
C ARG A 105 4.66 8.52 2.30
N VAL A 106 3.44 8.98 2.41
CA VAL A 106 2.46 8.35 3.28
C VAL A 106 1.29 7.97 2.44
N ASN A 107 0.49 7.04 2.94
CA ASN A 107 -0.78 6.74 2.30
C ASN A 107 -1.95 7.16 3.18
N LEU A 108 -2.94 7.82 2.58
CA LEU A 108 -4.24 8.04 3.20
C LEU A 108 -5.20 7.02 2.65
N GLY A 109 -6.06 6.47 3.52
CA GLY A 109 -7.03 5.48 3.10
C GLY A 109 -8.45 5.92 3.42
N THR A 110 -8.94 5.54 4.60
CA THR A 110 -10.28 5.88 4.99
C THR A 110 -10.52 7.38 4.99
N ALA A 111 -9.48 8.17 5.26
CA ALA A 111 -9.64 9.63 5.31
C ALA A 111 -10.15 10.16 3.98
N ALA A 112 -9.78 9.51 2.88
CA ALA A 112 -10.20 10.01 1.57
C ALA A 112 -11.69 9.82 1.37
N LEU A 113 -12.27 8.86 2.09
CA LEU A 113 -13.70 8.58 1.99
C LEU A 113 -14.52 9.32 3.03
N GLU A 114 -14.01 9.31 4.25
CA GLU A 114 -14.74 9.82 5.41
C GLU A 114 -14.62 11.35 5.58
N THR A 115 -13.47 11.90 5.22
CA THR A 115 -13.16 13.32 5.41
C THR A 115 -12.47 13.84 4.16
N PRO A 116 -13.23 13.89 3.05
CA PRO A 116 -12.61 14.19 1.77
C PRO A 116 -12.02 15.59 1.71
N GLU A 117 -12.58 16.54 2.45
CA GLU A 117 -12.02 17.89 2.44
C GLU A 117 -10.68 17.92 3.15
N TRP A 118 -10.56 17.18 4.24
CA TRP A 118 -9.29 17.09 4.96
C TRP A 118 -8.23 16.46 4.06
N ALA A 119 -8.62 15.40 3.36
CA ALA A 119 -7.68 14.67 2.50
C ALA A 119 -7.21 15.59 1.35
N ALA A 120 -8.13 16.35 0.81
CA ALA A 120 -7.81 17.23 -0.30
C ALA A 120 -6.85 18.33 0.16
N LYS A 121 -7.04 18.80 1.39
CA LYS A 121 -6.15 19.80 1.98
C LYS A 121 -4.77 19.20 2.20
N ALA A 122 -4.72 17.95 2.64
CA ALA A 122 -3.44 17.30 2.86
C ALA A 122 -2.67 17.19 1.54
N ILE A 123 -3.39 16.82 0.49
CA ILE A 123 -2.81 16.71 -0.86
C ILE A 123 -2.28 18.08 -1.33
N ALA A 124 -3.08 19.11 -1.13
CA ALA A 124 -2.71 20.46 -1.52
C ALA A 124 -1.46 20.92 -0.76
N GLU A 125 -1.38 20.58 0.52
CA GLU A 125 -0.29 21.02 1.34
C GLU A 125 0.99 20.19 1.25
N HIS A 126 0.88 18.90 0.91
CA HIS A 126 2.05 18.01 0.92
C HIS A 126 2.40 17.36 -0.40
N GLY A 127 1.58 17.57 -1.41
CA GLY A 127 1.90 17.16 -2.76
C GLY A 127 2.21 15.69 -2.86
N ASP A 128 3.32 15.37 -3.47
CA ASP A 128 3.58 13.98 -3.78
C ASP A 128 4.18 13.22 -2.58
N ARG A 129 4.20 13.84 -1.42
CA ARG A 129 4.42 13.06 -0.20
C ARG A 129 3.16 12.29 0.20
N ILE A 130 2.05 12.53 -0.50
CA ILE A 130 0.78 11.82 -0.26
C ILE A 130 0.41 10.90 -1.42
N ALA A 131 0.00 9.67 -1.14
CA ALA A 131 -0.70 8.83 -2.09
C ALA A 131 -1.96 8.42 -1.41
N VAL A 132 -2.98 8.07 -2.19
CA VAL A 132 -4.24 7.59 -1.62
C VAL A 132 -4.42 6.10 -1.90
N GLY A 133 -4.65 5.36 -0.82
CA GLY A 133 -4.99 3.96 -0.91
C GLY A 133 -6.45 3.76 -1.18
N LEU A 134 -6.73 2.99 -2.21
CA LEU A 134 -8.08 2.64 -2.59
C LEU A 134 -8.25 1.16 -2.33
N ASP A 135 -9.10 0.79 -1.37
CA ASP A 135 -9.37 -0.62 -1.07
C ASP A 135 -10.68 -0.98 -1.75
N VAL A 136 -10.63 -1.87 -2.74
CA VAL A 136 -11.73 -2.10 -3.67
C VAL A 136 -12.33 -3.49 -3.56
N ARG A 137 -13.66 -3.53 -3.60
CA ARG A 137 -14.41 -4.74 -3.93
C ARG A 137 -15.34 -4.44 -5.08
N GLY A 138 -15.06 -5.03 -6.24
CA GLY A 138 -15.82 -4.73 -7.45
C GLY A 138 -15.53 -3.31 -7.93
N THR A 139 -16.50 -2.41 -7.76
CA THR A 139 -16.25 -0.97 -7.93
C THR A 139 -16.56 -0.17 -6.65
N THR A 140 -16.62 -0.87 -5.52
CA THR A 140 -17.01 -0.25 -4.24
C THR A 140 -15.77 -0.08 -3.38
N LEU A 141 -15.59 1.11 -2.84
CA LEU A 141 -14.46 1.39 -1.98
C LEU A 141 -14.81 1.10 -0.54
N LYS A 142 -13.83 0.58 0.20
CA LYS A 142 -14.06 0.19 1.58
C LYS A 142 -13.16 1.00 2.50
N GLY A 143 -13.66 1.28 3.70
CA GLY A 143 -12.84 1.93 4.72
C GLY A 143 -13.19 1.48 6.12
N ARG A 144 -12.21 1.54 7.02
CA ARG A 144 -12.39 1.19 8.43
C ARG A 144 -13.42 2.08 9.12
N GLY A 145 -14.56 1.51 9.47
N GLY A 145 -14.58 1.51 9.45
CA GLY A 145 -15.61 2.23 10.18
CA GLY A 145 -15.65 2.26 10.09
C GLY A 145 -16.40 3.13 9.23
C GLY A 145 -16.58 2.89 9.07
N TRP A 146 -16.33 2.82 7.94
CA TRP A 146 -17.03 3.57 6.92
C TRP A 146 -17.78 2.60 6.04
N THR A 147 -19.04 2.91 5.78
CA THR A 147 -19.85 2.07 4.92
C THR A 147 -20.12 2.84 3.64
N SER A 148 -19.91 2.15 2.52
CA SER A 148 -19.98 2.78 1.21
C SER A 148 -21.39 2.79 0.65
N GLU A 149 -21.65 3.75 -0.24
CA GLU A 149 -22.95 3.85 -0.90
C GLU A 149 -23.05 2.79 -2.00
N GLY A 150 -21.90 2.43 -2.54
N GLY A 150 -19.75 2.72 1.58
CA GLY A 150 -21.81 1.42 -3.57
CA GLY A 150 -18.70 2.47 0.62
C GLY A 150 -21.33 1.98 -4.90
C GLY A 150 -18.80 3.37 -0.60
N GLY A 151 -20.33 1.32 -5.49
N GLY A 151 -17.74 4.13 -0.85
CA GLY A 151 -19.91 1.57 -6.85
CA GLY A 151 -17.72 5.07 -1.96
C GLY A 151 -19.28 2.94 -7.08
C GLY A 151 -17.63 4.38 -3.30
N ASP A 152 -18.46 3.39 -6.14
N ASP A 152 -17.85 5.13 -4.37
CA ASP A 152 -17.95 4.76 -6.16
CA ASP A 152 -17.74 4.60 -5.72
C ASP A 152 -16.47 4.89 -6.56
C ASP A 152 -16.32 4.78 -6.26
N LEU A 153 -15.83 3.78 -6.98
CA LEU A 153 -14.44 3.78 -7.43
C LEU A 153 -14.14 4.89 -8.42
N TYR A 154 -14.90 4.97 -9.51
CA TYR A 154 -14.51 5.89 -10.57
C TYR A 154 -14.88 7.35 -10.23
N GLU A 155 -15.97 7.55 -9.50
CA GLU A 155 -16.31 8.88 -9.00
C GLU A 155 -15.21 9.41 -8.08
N THR A 156 -14.74 8.55 -7.19
CA THR A 156 -13.74 8.95 -6.23
C THR A 156 -12.39 9.22 -6.91
N LEU A 157 -12.03 8.34 -7.85
CA LEU A 157 -10.81 8.52 -8.59
C LEU A 157 -10.86 9.87 -9.32
N ALA A 158 -12.01 10.19 -9.91
CA ALA A 158 -12.15 11.43 -10.67
C ALA A 158 -12.03 12.64 -9.73
N ARG A 159 -12.62 12.53 -8.54
CA ARG A 159 -12.51 13.62 -7.56
C ARG A 159 -11.07 13.81 -7.10
N LEU A 160 -10.41 12.72 -6.72
CA LEU A 160 -9.04 12.80 -6.25
C LEU A 160 -8.11 13.31 -7.34
N ASP A 161 -8.32 12.89 -8.58
CA ASP A 161 -7.55 13.44 -9.68
C ASP A 161 -7.67 14.96 -9.72
N SER A 162 -8.89 15.46 -9.64
CA SER A 162 -9.13 16.89 -9.74
C SER A 162 -8.55 17.67 -8.54
N GLU A 163 -8.36 16.98 -7.43
CA GLU A 163 -7.77 17.59 -6.25
C GLU A 163 -6.24 17.54 -6.29
N GLY A 164 -5.71 16.94 -7.36
CA GLY A 164 -4.27 16.88 -7.57
C GLY A 164 -3.58 15.70 -6.92
N CYS A 165 -4.32 14.66 -6.54
CA CYS A 165 -3.69 13.47 -5.95
C CYS A 165 -2.58 12.94 -6.87
N ALA A 166 -1.40 12.66 -6.31
CA ALA A 166 -0.23 12.32 -7.12
C ALA A 166 -0.16 10.86 -7.52
N ARG A 167 -0.85 10.00 -6.78
CA ARG A 167 -0.53 8.57 -6.85
C ARG A 167 -1.57 7.77 -6.07
N TYR A 168 -1.86 6.56 -6.56
CA TYR A 168 -2.87 5.69 -5.94
C TYR A 168 -2.28 4.34 -5.64
N VAL A 169 -2.60 3.79 -4.48
CA VAL A 169 -2.28 2.41 -4.15
C VAL A 169 -3.62 1.67 -4.24
N VAL A 170 -3.73 0.72 -5.17
CA VAL A 170 -5.00 0.02 -5.42
C VAL A 170 -4.91 -1.40 -4.93
N THR A 171 -5.73 -1.69 -3.91
CA THR A 171 -5.80 -3.02 -3.32
C THR A 171 -7.13 -3.68 -3.65
N ASP A 172 -7.10 -4.90 -4.20
CA ASP A 172 -8.30 -5.71 -4.28
C ASP A 172 -8.41 -6.44 -2.94
N ILE A 173 -9.40 -6.02 -2.16
CA ILE A 173 -9.61 -6.58 -0.82
C ILE A 173 -9.87 -8.07 -0.86
N GLY A 174 -10.58 -8.51 -1.89
CA GLY A 174 -10.92 -9.91 -1.98
C GLY A 174 -9.71 -10.81 -2.25
N LYS A 175 -8.64 -10.21 -2.77
CA LYS A 175 -7.39 -10.93 -3.03
C LYS A 175 -6.32 -10.80 -1.94
N ASP A 176 -6.40 -9.76 -1.12
CA ASP A 176 -5.37 -9.44 -0.13
C ASP A 176 -5.13 -10.60 0.84
N GLY A 177 -3.89 -11.07 0.86
CA GLY A 177 -3.49 -12.11 1.79
C GLY A 177 -3.96 -13.50 1.43
N THR A 178 -4.47 -13.67 0.21
CA THR A 178 -5.06 -14.95 -0.22
C THR A 178 -4.11 -15.81 -1.07
N LEU A 179 -3.07 -15.22 -1.66
CA LEU A 179 -2.16 -15.92 -2.55
C LEU A 179 -2.89 -16.54 -3.74
N THR A 180 -3.97 -15.87 -4.18
CA THR A 180 -4.72 -16.34 -5.34
C THR A 180 -4.44 -15.55 -6.64
N GLY A 181 -3.51 -14.60 -6.56
CA GLY A 181 -3.10 -13.79 -7.71
C GLY A 181 -3.74 -12.41 -7.65
N PRO A 182 -3.08 -11.40 -8.27
CA PRO A 182 -3.61 -10.04 -8.29
C PRO A 182 -4.80 -9.89 -9.22
N ASN A 183 -5.58 -8.84 -9.00
CA ASN A 183 -6.68 -8.55 -9.90
C ASN A 183 -6.19 -7.67 -11.03
N LEU A 184 -5.69 -8.29 -12.09
CA LEU A 184 -5.11 -7.53 -13.18
C LEU A 184 -6.16 -6.70 -13.90
N GLU A 185 -7.38 -7.21 -13.98
CA GLU A 185 -8.41 -6.50 -14.73
C GLU A 185 -8.78 -5.18 -14.01
N LEU A 186 -8.90 -5.21 -12.68
CA LEU A 186 -9.12 -4.00 -11.90
C LEU A 186 -7.99 -3.00 -12.13
N LEU A 187 -6.75 -3.48 -12.02
CA LEU A 187 -5.59 -2.63 -12.17
C LEU A 187 -5.56 -1.98 -13.56
N LYS A 188 -5.83 -2.76 -14.60
CA LYS A 188 -5.84 -2.20 -15.95
C LYS A 188 -6.83 -1.08 -16.09
N ASN A 189 -8.01 -1.25 -15.52
CA ASN A 189 -9.03 -0.22 -15.66
C ASN A 189 -8.82 1.00 -14.81
N VAL A 190 -8.24 0.85 -13.63
CA VAL A 190 -7.87 2.04 -12.87
C VAL A 190 -6.80 2.82 -13.61
N CYS A 191 -5.77 2.14 -14.13
CA CYS A 191 -4.76 2.78 -14.98
C CYS A 191 -5.36 3.51 -16.16
N ALA A 192 -6.39 2.93 -16.77
CA ALA A 192 -7.07 3.55 -17.90
C ALA A 192 -7.80 4.83 -17.49
N ALA A 193 -8.22 4.91 -16.22
CA ALA A 193 -9.09 5.99 -15.77
C ALA A 193 -8.36 7.20 -15.22
N THR A 194 -7.12 6.99 -14.76
CA THR A 194 -6.31 8.08 -14.24
C THR A 194 -4.94 8.10 -14.92
N ASP A 195 -4.38 9.29 -15.11
CA ASP A 195 -3.02 9.38 -15.60
C ASP A 195 -1.99 9.35 -14.48
N ARG A 196 -2.42 9.26 -13.22
CA ARG A 196 -1.46 9.21 -12.11
C ARG A 196 -0.92 7.82 -11.94
N PRO A 197 0.31 7.71 -11.40
CA PRO A 197 0.83 6.35 -11.19
C PRO A 197 0.00 5.51 -10.23
N VAL A 198 -0.05 4.21 -10.52
CA VAL A 198 -0.84 3.25 -9.74
C VAL A 198 0.11 2.20 -9.18
N VAL A 199 -0.01 1.95 -7.89
CA VAL A 199 0.74 0.90 -7.21
C VAL A 199 -0.22 -0.25 -6.92
N ALA A 200 0.14 -1.45 -7.38
CA ALA A 200 -0.71 -2.61 -7.26
C ALA A 200 -0.54 -3.26 -5.92
N SER A 201 -1.62 -3.76 -5.34
CA SER A 201 -1.53 -4.42 -4.04
C SER A 201 -2.60 -5.50 -3.92
N GLY A 202 -2.23 -6.68 -3.41
CA GLY A 202 -3.21 -7.71 -3.05
C GLY A 202 -3.16 -8.93 -3.92
N GLY A 203 -2.77 -10.06 -3.32
CA GLY A 203 -2.93 -11.33 -3.97
C GLY A 203 -1.72 -11.86 -4.69
N ILE A 204 -0.65 -11.09 -4.76
CA ILE A 204 0.55 -11.56 -5.48
C ILE A 204 1.00 -12.89 -4.88
N SER A 205 1.23 -13.88 -5.74
CA SER A 205 1.44 -15.24 -5.30
C SER A 205 2.60 -15.96 -5.96
N SER A 206 3.17 -15.36 -7.01
CA SER A 206 4.13 -16.07 -7.83
C SER A 206 4.96 -15.08 -8.61
N LEU A 207 6.08 -15.54 -9.15
CA LEU A 207 6.91 -14.73 -10.02
C LEU A 207 6.13 -14.44 -11.32
N GLU A 208 5.28 -15.37 -11.74
CA GLU A 208 4.47 -15.15 -12.94
C GLU A 208 3.53 -13.97 -12.71
N ASP A 209 2.98 -13.86 -11.50
CA ASP A 209 2.18 -12.69 -11.17
C ASP A 209 2.99 -11.40 -11.33
N LEU A 210 4.24 -11.40 -10.87
CA LEU A 210 5.07 -10.21 -11.05
C LEU A 210 5.35 -9.90 -12.52
N ARG A 211 5.53 -10.92 -13.36
CA ARG A 211 5.76 -10.68 -14.78
C ARG A 211 4.53 -10.04 -15.39
N ALA A 212 3.37 -10.49 -14.93
CA ALA A 212 2.11 -9.95 -15.43
C ALA A 212 1.96 -8.49 -15.05
N LEU A 213 2.34 -8.15 -13.83
CA LEU A 213 2.28 -6.76 -13.39
C LEU A 213 3.33 -5.91 -14.09
N ALA A 214 4.53 -6.46 -14.29
CA ALA A 214 5.57 -5.74 -15.00
C ALA A 214 5.12 -5.40 -16.41
N ALA A 215 4.30 -6.25 -17.02
CA ALA A 215 3.84 -6.01 -18.38
C ALA A 215 2.87 -4.83 -18.43
N LEU A 216 2.34 -4.42 -17.27
CA LEU A 216 1.43 -3.29 -17.19
C LEU A 216 2.10 -1.96 -16.89
N VAL A 217 3.41 -1.95 -16.75
CA VAL A 217 4.08 -0.67 -16.52
C VAL A 217 3.78 0.39 -17.58
N PRO A 218 3.80 0.04 -18.86
CA PRO A 218 3.45 1.05 -19.87
C PRO A 218 2.04 1.60 -19.75
N GLN A 219 1.12 0.82 -19.18
N GLN A 219 1.14 0.80 -19.18
CA GLN A 219 -0.26 1.27 -19.03
CA GLN A 219 -0.26 1.19 -18.99
C GLN A 219 -0.44 2.15 -17.79
C GLN A 219 -0.43 2.13 -17.80
N GLY A 220 0.57 2.17 -16.92
CA GLY A 220 0.53 3.06 -15.76
C GLY A 220 0.70 2.43 -14.40
N VAL A 221 1.02 1.15 -14.37
CA VAL A 221 1.36 0.48 -13.11
C VAL A 221 2.81 0.76 -12.80
N GLU A 222 3.04 1.48 -11.70
CA GLU A 222 4.37 1.94 -11.36
C GLU A 222 5.13 0.93 -10.50
N GLY A 223 4.38 0.22 -9.67
CA GLY A 223 4.98 -0.59 -8.63
C GLY A 223 3.99 -1.61 -8.10
N ALA A 224 4.49 -2.51 -7.27
CA ALA A 224 3.70 -3.57 -6.65
C ALA A 224 4.14 -3.74 -5.22
N ILE A 225 3.19 -3.69 -4.30
CA ILE A 225 3.40 -4.04 -2.89
C ILE A 225 3.26 -5.56 -2.72
N VAL A 226 4.25 -6.18 -2.09
CA VAL A 226 4.24 -7.63 -1.94
C VAL A 226 4.28 -7.97 -0.47
N GLY A 227 3.24 -8.65 0.00
CA GLY A 227 3.18 -9.06 1.40
C GLY A 227 3.33 -10.55 1.60
N LYS A 228 2.22 -11.27 1.65
CA LYS A 228 2.27 -12.66 2.08
C LYS A 228 3.17 -13.56 1.22
N ALA A 229 3.30 -13.28 -0.07
CA ALA A 229 4.12 -14.14 -0.91
C ALA A 229 5.56 -14.17 -0.41
N LEU A 230 6.05 -13.05 0.13
CA LEU A 230 7.39 -13.04 0.68
C LEU A 230 7.49 -13.73 2.04
N TYR A 231 6.55 -13.49 2.94
CA TYR A 231 6.60 -14.09 4.27
C TYR A 231 6.35 -15.60 4.22
N ALA A 232 5.47 -16.03 3.32
CA ALA A 232 5.17 -17.46 3.14
C ALA A 232 6.10 -18.12 2.13
N LYS A 233 7.11 -17.38 1.67
CA LYS A 233 8.21 -17.94 0.87
C LYS A 233 7.75 -18.56 -0.45
N ALA A 234 6.79 -17.92 -1.10
CA ALA A 234 6.45 -18.32 -2.44
C ALA A 234 7.64 -18.04 -3.38
N PHE A 235 8.34 -16.95 -3.09
CA PHE A 235 9.55 -16.60 -3.81
C PHE A 235 10.36 -15.72 -2.88
N THR A 236 11.63 -15.52 -3.23
CA THR A 236 12.50 -14.64 -2.48
C THR A 236 12.46 -13.24 -3.07
N LEU A 237 12.83 -12.24 -2.30
CA LEU A 237 12.87 -10.88 -2.84
C LEU A 237 13.95 -10.80 -3.91
N GLU A 238 15.04 -11.54 -3.74
CA GLU A 238 16.09 -11.59 -4.74
C GLU A 238 15.55 -12.08 -6.08
N GLU A 239 14.73 -13.15 -6.06
CA GLU A 239 14.12 -13.66 -7.31
C GLU A 239 13.20 -12.60 -7.91
N ALA A 240 12.43 -11.94 -7.05
CA ALA A 240 11.45 -10.95 -7.51
C ALA A 240 12.17 -9.79 -8.22
N LEU A 241 13.26 -9.32 -7.62
CA LEU A 241 14.00 -8.20 -8.19
C LEU A 241 14.63 -8.59 -9.53
N LYS A 242 15.09 -9.82 -9.63
CA LYS A 242 15.67 -10.31 -10.88
C LYS A 242 14.59 -10.36 -11.95
N VAL A 243 13.43 -10.92 -11.60
CA VAL A 243 12.39 -11.16 -12.60
C VAL A 243 11.91 -9.83 -13.19
N VAL A 244 11.72 -8.81 -12.36
CA VAL A 244 11.25 -7.52 -12.89
C VAL A 244 12.36 -6.70 -13.55
N SER A 245 13.59 -7.19 -13.50
N SER A 245 13.59 -7.19 -13.49
CA SER A 245 14.72 -6.53 -14.18
CA SER A 245 14.70 -6.53 -14.17
C SER A 245 14.86 -6.98 -15.62
C SER A 245 14.70 -6.86 -15.64
N ALA A 246 14.08 -7.99 -15.99
CA ALA A 246 14.09 -8.50 -17.35
C ALA A 246 13.70 -7.40 -18.33
S SO4 B . -6.53 3.93 7.04
O1 SO4 B . -7.63 3.49 6.25
O2 SO4 B . -6.83 5.20 7.79
O3 SO4 B . -5.52 4.20 6.01
O4 SO4 B . -5.84 3.01 7.92
S SO4 C . -14.55 16.81 5.61
O1 SO4 C . -14.81 16.56 4.20
O2 SO4 C . -15.07 18.14 5.95
O3 SO4 C . -13.11 16.85 5.88
O4 SO4 C . -15.22 15.83 6.45
S SO4 D . -0.68 -9.44 -0.02
O1 SO4 D . -1.19 -8.02 0.12
O2 SO4 D . -1.79 -10.21 -0.67
O3 SO4 D . -0.36 -9.95 1.32
O4 SO4 D . 0.51 -9.35 -0.91
S SO4 E . 12.51 -14.14 -15.97
O1 SO4 E . 11.27 -13.36 -16.11
O2 SO4 E . 12.93 -14.58 -17.30
O3 SO4 E . 13.51 -13.24 -15.40
O4 SO4 E . 12.35 -15.31 -15.13
S SO4 F . -0.66 -3.73 3.45
O1 SO4 F . -1.19 -4.79 2.55
O2 SO4 F . -0.91 -2.36 2.89
O3 SO4 F . 0.77 -3.99 3.66
O4 SO4 F . -1.43 -3.78 4.73
#